data_1G3U
#
_entry.id   1G3U
#
_cell.length_a   76.622
_cell.length_b   76.622
_cell.length_c   134.378
_cell.angle_alpha   90.00
_cell.angle_beta   90.00
_cell.angle_gamma   120.00
#
_symmetry.space_group_name_H-M   'P 65 2 2'
#
loop_
_entity.id
_entity.type
_entity.pdbx_description
1 polymer 'THYMIDYLATE KINASE'
2 non-polymer 'SULFATE ION'
3 non-polymer 'MAGNESIUM ION'
4 non-polymer "THYMIDINE-5'-PHOSPHATE"
5 water water
#
_entity_poly.entity_id   1
_entity_poly.type   'polypeptide(L)'
_entity_poly.pdbx_seq_one_letter_code
;MLIAIEGVDGAGKRTLVEKLSGAFRAAGRSVATLAFPRYGQSVAADIAAEALHGEHGDLASSVYAMATLFALDRAGAVHT
IQGLCRGYDVVILDRYVASNAAYSAARLHENAAGKAAAWVQRIEFARLGLPKPDWQVLLAVSAELAGERSRGRAQRDPGR
ARDNYERDAELQQRTGAVYAELAAQGWGGRWLVVGADVDPGRLAATLAPPDVPS
;
_entity_poly.pdbx_strand_id   A
#
loop_
_chem_comp.id
_chem_comp.type
_chem_comp.name
_chem_comp.formula
MG non-polymer 'MAGNESIUM ION' 'Mg 2'
SO4 non-polymer 'SULFATE ION' 'O4 S -2'
TMP non-polymer THYMIDINE-5'-PHOSPHATE 'C10 H15 N2 O8 P'
#
# COMPACT_ATOMS: atom_id res chain seq x y z
N MET A 1 -0.02 10.10 15.15
CA MET A 1 1.02 9.54 14.24
C MET A 1 0.39 8.73 13.11
N LEU A 2 0.84 8.98 11.89
CA LEU A 2 0.32 8.24 10.73
C LEU A 2 1.38 7.31 10.14
N ILE A 3 1.12 6.01 10.16
CA ILE A 3 2.02 5.00 9.64
C ILE A 3 1.39 4.28 8.44
N ALA A 4 2.17 4.10 7.38
CA ALA A 4 1.69 3.28 6.25
C ALA A 4 2.52 2.02 6.13
N ILE A 5 1.87 0.87 5.97
CA ILE A 5 2.55 -0.39 5.68
C ILE A 5 2.52 -0.69 4.18
N GLU A 6 3.69 -0.84 3.57
CA GLU A 6 3.84 -1.00 2.13
C GLU A 6 4.55 -2.30 1.76
N GLY A 7 4.45 -2.70 0.50
CA GLY A 7 5.11 -3.91 0.02
C GLY A 7 4.27 -4.62 -1.05
N VAL A 8 4.85 -5.62 -1.71
CA VAL A 8 4.19 -6.26 -2.85
C VAL A 8 3.01 -7.13 -2.40
N ASP A 9 2.29 -7.67 -3.38
CA ASP A 9 1.15 -8.53 -3.06
C ASP A 9 1.63 -9.81 -2.40
N GLY A 10 1.02 -10.19 -1.28
CA GLY A 10 1.38 -11.43 -0.59
C GLY A 10 2.60 -11.26 0.30
N ALA A 11 2.93 -10.03 0.67
CA ALA A 11 4.12 -9.76 1.46
C ALA A 11 3.87 -10.02 2.94
N GLY A 12 2.62 -10.01 3.38
CA GLY A 12 2.26 -10.23 4.77
C GLY A 12 1.82 -8.93 5.45
N LYS A 13 1.45 -7.92 4.65
CA LYS A 13 1.10 -6.63 5.21
C LYS A 13 -0.06 -6.66 6.18
N ARG A 14 -1.19 -7.33 5.85
CA ARG A 14 -2.34 -7.27 6.75
C ARG A 14 -2.00 -7.90 8.09
N THR A 15 -1.24 -8.97 8.10
CA THR A 15 -0.79 -9.61 9.34
C THR A 15 0.12 -8.68 10.14
N LEU A 16 1.00 -7.94 9.45
CA LEU A 16 1.87 -7.00 10.17
C LEU A 16 1.06 -5.88 10.81
N VAL A 17 0.03 -5.39 10.12
CA VAL A 17 -0.89 -4.42 10.67
C VAL A 17 -1.56 -4.93 11.95
N GLU A 18 -2.07 -6.16 11.94
CA GLU A 18 -2.68 -6.70 13.15
C GLU A 18 -1.64 -6.86 14.25
N LYS A 19 -0.45 -7.33 13.95
CA LYS A 19 0.58 -7.49 14.97
C LYS A 19 1.03 -6.16 15.54
N LEU A 20 1.29 -5.20 14.65
CA LEU A 20 1.66 -3.85 15.06
C LEU A 20 0.60 -3.16 15.89
N SER A 21 -0.68 -3.22 15.49
CA SER A 21 -1.75 -2.63 16.28
C SER A 21 -1.85 -3.27 17.66
N GLY A 22 -1.64 -4.58 17.74
CA GLY A 22 -1.56 -5.27 19.01
C GLY A 22 -0.40 -4.76 19.88
N ALA A 23 0.76 -4.56 19.28
CA ALA A 23 1.92 -4.05 20.01
C ALA A 23 1.70 -2.65 20.54
N PHE A 24 1.18 -1.72 19.72
CA PHE A 24 0.83 -0.40 20.22
C PHE A 24 -0.20 -0.42 21.34
N ARG A 25 -1.25 -1.23 21.20
CA ARG A 25 -2.30 -1.31 22.20
C ARG A 25 -1.78 -1.89 23.52
N ALA A 26 -0.87 -2.84 23.45
CA ALA A 26 -0.16 -3.37 24.60
C ALA A 26 0.69 -2.33 25.32
N ALA A 27 1.14 -1.30 24.61
CA ALA A 27 1.89 -0.20 25.18
C ALA A 27 1.00 0.96 25.58
N GLY A 28 -0.31 0.81 25.46
CA GLY A 28 -1.26 1.80 25.93
C GLY A 28 -1.71 2.82 24.89
N ARG A 29 -1.39 2.64 23.61
CA ARG A 29 -1.79 3.65 22.62
C ARG A 29 -3.13 3.24 21.99
N SER A 30 -4.02 4.19 21.76
CA SER A 30 -5.18 3.91 20.91
C SER A 30 -4.73 3.83 19.45
N VAL A 31 -5.24 2.84 18.74
CA VAL A 31 -4.86 2.56 17.36
C VAL A 31 -6.10 2.50 16.47
N ALA A 32 -6.08 3.21 15.34
CA ALA A 32 -7.08 2.96 14.29
C ALA A 32 -6.39 2.52 13.01
N THR A 33 -7.05 1.65 12.23
CA THR A 33 -6.50 1.10 11.01
C THR A 33 -7.45 1.33 9.82
N LEU A 34 -6.87 1.50 8.64
CA LEU A 34 -7.63 1.67 7.41
C LEU A 34 -6.87 0.97 6.29
N ALA A 35 -7.56 0.35 5.33
CA ALA A 35 -6.84 -0.39 4.28
C ALA A 35 -7.22 0.15 2.91
N PHE A 36 -6.25 0.51 2.07
CA PHE A 36 -6.54 0.88 0.68
C PHE A 36 -6.13 -0.26 -0.23
N PRO A 37 -6.91 -0.54 -1.27
CA PRO A 37 -8.06 0.26 -1.65
C PRO A 37 -9.25 -0.02 -0.74
N ARG A 38 -10.18 0.90 -0.61
CA ARG A 38 -11.32 0.71 0.30
C ARG A 38 -12.47 -0.03 -0.37
N TYR A 39 -12.25 -1.31 -0.63
CA TYR A 39 -13.26 -2.14 -1.30
C TYR A 39 -14.59 -2.03 -0.55
N GLY A 40 -15.68 -1.73 -1.26
CA GLY A 40 -16.98 -1.66 -0.63
C GLY A 40 -17.36 -0.25 -0.21
N GLN A 41 -16.39 0.62 0.01
CA GLN A 41 -16.64 1.95 0.57
C GLN A 41 -16.55 3.03 -0.48
N SER A 42 -15.94 2.74 -1.63
CA SER A 42 -15.98 3.70 -2.72
C SER A 42 -16.11 3.02 -4.09
N VAL A 43 -16.78 3.73 -4.98
CA VAL A 43 -16.97 3.26 -6.34
C VAL A 43 -15.63 3.19 -7.07
N ALA A 44 -14.75 4.18 -6.86
CA ALA A 44 -13.44 4.16 -7.47
C ALA A 44 -12.67 2.89 -7.10
N ALA A 45 -12.68 2.52 -5.83
CA ALA A 45 -11.96 1.34 -5.37
C ALA A 45 -12.54 0.05 -5.97
N ASP A 46 -13.87 -0.03 -6.01
CA ASP A 46 -14.53 -1.21 -6.53
C ASP A 46 -14.36 -1.35 -8.03
N ILE A 47 -14.50 -0.26 -8.78
CA ILE A 47 -14.24 -0.34 -10.23
C ILE A 47 -12.80 -0.73 -10.52
N ALA A 48 -11.83 -0.17 -9.79
CA ALA A 48 -10.43 -0.56 -9.96
C ALA A 48 -10.25 -2.07 -9.74
N ALA A 49 -10.83 -2.60 -8.68
CA ALA A 49 -10.66 -4.02 -8.36
C ALA A 49 -11.26 -4.88 -9.47
N GLU A 50 -12.47 -4.52 -9.88
CA GLU A 50 -13.16 -5.22 -10.97
C GLU A 50 -12.38 -5.14 -12.28
N ALA A 51 -11.80 -3.99 -12.59
CA ALA A 51 -10.94 -3.86 -13.77
C ALA A 51 -9.74 -4.80 -13.73
N LEU A 52 -9.13 -4.98 -12.57
CA LEU A 52 -8.04 -5.94 -12.38
C LEU A 52 -8.48 -7.40 -12.44
N HIS A 53 -9.77 -7.67 -12.36
CA HIS A 53 -10.31 -9.00 -12.59
C HIS A 53 -10.95 -9.13 -13.95
N GLY A 54 -10.66 -8.22 -14.87
CA GLY A 54 -11.03 -8.39 -16.27
C GLY A 54 -12.25 -7.60 -16.71
N GLU A 55 -12.85 -6.79 -15.83
CA GLU A 55 -14.05 -6.07 -16.24
C GLU A 55 -13.71 -4.69 -16.79
N HIS A 56 -14.70 -3.97 -17.25
CA HIS A 56 -14.62 -2.57 -17.61
C HIS A 56 -13.69 -2.31 -18.77
N GLY A 57 -13.82 -3.15 -19.81
CA GLY A 57 -13.16 -2.96 -21.08
C GLY A 57 -11.67 -2.65 -21.00
N ASP A 58 -11.22 -1.55 -21.58
CA ASP A 58 -9.78 -1.25 -21.63
C ASP A 58 -9.26 -0.48 -20.43
N LEU A 59 -9.98 -0.42 -19.32
CA LEU A 59 -9.59 0.44 -18.20
C LEU A 59 -8.25 0.04 -17.60
N ALA A 60 -8.07 -1.24 -17.29
CA ALA A 60 -6.87 -1.72 -16.63
C ALA A 60 -5.62 -1.63 -17.50
N SER A 61 -5.75 -1.50 -18.81
CA SER A 61 -4.59 -1.35 -19.69
C SER A 61 -3.96 0.03 -19.59
N SER A 62 -4.64 1.03 -19.03
CA SER A 62 -4.03 2.34 -18.76
C SER A 62 -3.44 2.37 -17.36
N VAL A 63 -2.14 2.57 -17.29
CA VAL A 63 -1.44 2.75 -16.01
C VAL A 63 -1.96 3.95 -15.25
N TYR A 64 -2.12 5.09 -15.93
CA TYR A 64 -2.54 6.32 -15.26
C TYR A 64 -4.01 6.29 -14.86
N ALA A 65 -4.88 5.63 -15.62
CA ALA A 65 -6.25 5.40 -15.20
C ALA A 65 -6.34 4.62 -13.89
N MET A 66 -5.61 3.52 -13.78
CA MET A 66 -5.63 2.72 -12.56
C MET A 66 -5.08 3.51 -11.38
N ALA A 67 -3.98 4.24 -11.57
CA ALA A 67 -3.46 5.12 -10.53
C ALA A 67 -4.48 6.16 -10.10
N THR A 68 -5.15 6.76 -11.08
CA THR A 68 -6.17 7.80 -10.80
C THR A 68 -7.31 7.28 -9.95
N LEU A 69 -7.84 6.09 -10.24
CA LEU A 69 -8.86 5.47 -9.42
C LEU A 69 -8.41 5.24 -7.99
N PHE A 70 -7.18 4.75 -7.77
CA PHE A 70 -6.69 4.58 -6.40
C PHE A 70 -6.52 5.91 -5.69
N ALA A 71 -6.07 6.94 -6.40
CA ALA A 71 -5.95 8.27 -5.86
C ALA A 71 -7.32 8.86 -5.49
N LEU A 72 -8.31 8.69 -6.37
CA LEU A 72 -9.67 9.11 -6.10
C LEU A 72 -10.30 8.39 -4.91
N ASP A 73 -10.03 7.11 -4.74
CA ASP A 73 -10.40 6.37 -3.54
C ASP A 73 -9.83 7.05 -2.29
N ARG A 74 -8.53 7.29 -2.26
CA ARG A 74 -7.93 7.99 -1.11
C ARG A 74 -8.48 9.40 -0.93
N ALA A 75 -8.70 10.15 -2.00
CA ALA A 75 -9.25 11.51 -1.89
C ALA A 75 -10.61 11.48 -1.18
N GLY A 76 -11.42 10.46 -1.39
CA GLY A 76 -12.65 10.26 -0.66
C GLY A 76 -12.46 9.95 0.83
N ALA A 77 -11.28 9.57 1.27
CA ALA A 77 -11.00 9.27 2.66
C ALA A 77 -10.19 10.35 3.38
N VAL A 78 -9.90 11.48 2.77
CA VAL A 78 -9.04 12.47 3.41
C VAL A 78 -9.56 12.93 4.77
N HIS A 79 -10.84 13.28 4.85
CA HIS A 79 -11.44 13.76 6.08
C HIS A 79 -11.52 12.68 7.15
N THR A 80 -11.76 11.46 6.71
CA THR A 80 -11.64 10.27 7.54
C THR A 80 -10.25 10.08 8.11
N ILE A 81 -9.22 10.15 7.28
CA ILE A 81 -7.85 10.05 7.79
C ILE A 81 -7.57 11.15 8.80
N GLN A 82 -7.91 12.40 8.46
CA GLN A 82 -7.67 13.53 9.36
C GLN A 82 -8.42 13.40 10.67
N GLY A 83 -9.66 12.93 10.63
CA GLY A 83 -10.42 12.58 11.81
C GLY A 83 -9.80 11.50 12.67
N LEU A 84 -9.31 10.41 12.09
CA LEU A 84 -8.66 9.35 12.86
C LEU A 84 -7.41 9.86 13.55
N CYS A 85 -6.62 10.67 12.85
CA CYS A 85 -5.40 11.25 13.41
C CYS A 85 -5.68 12.18 14.58
N ARG A 86 -6.82 12.85 14.61
CA ARG A 86 -7.24 13.66 15.74
C ARG A 86 -7.67 12.81 16.94
N GLY A 87 -8.37 11.71 16.68
CA GLY A 87 -9.00 10.92 17.72
C GLY A 87 -8.14 9.83 18.32
N TYR A 88 -7.14 9.35 17.57
CA TYR A 88 -6.38 8.18 17.96
C TYR A 88 -4.91 8.51 18.12
N ASP A 89 -4.20 7.74 18.95
CA ASP A 89 -2.76 7.92 19.11
C ASP A 89 -1.98 7.54 17.85
N VAL A 90 -2.32 6.39 17.28
CA VAL A 90 -1.63 5.83 16.12
C VAL A 90 -2.66 5.49 15.04
N VAL A 91 -2.46 5.96 13.81
CA VAL A 91 -3.28 5.49 12.70
C VAL A 91 -2.42 4.67 11.73
N ILE A 92 -2.84 3.43 11.48
CA ILE A 92 -2.04 2.51 10.69
C ILE A 92 -2.76 2.18 9.38
N LEU A 93 -2.09 2.41 8.26
CA LEU A 93 -2.68 2.16 6.95
C LEU A 93 -2.11 0.93 6.27
N ASP A 94 -2.99 0.07 5.76
CA ASP A 94 -2.52 -1.07 4.96
C ASP A 94 -2.53 -0.65 3.50
N ARG A 95 -1.38 -0.27 2.97
CA ARG A 95 -1.18 0.45 1.74
C ARG A 95 -1.59 1.92 1.82
N TYR A 96 -0.83 2.74 1.10
CA TYR A 96 -1.18 4.16 0.96
C TYR A 96 -0.62 4.69 -0.35
N VAL A 97 -0.22 5.96 -0.37
CA VAL A 97 0.17 6.62 -1.63
C VAL A 97 1.36 5.97 -2.28
N ALA A 98 2.35 5.50 -1.52
CA ALA A 98 3.53 4.84 -2.09
C ALA A 98 3.22 3.60 -2.91
N SER A 99 2.17 2.86 -2.59
CA SER A 99 1.72 1.76 -3.44
C SER A 99 1.46 2.26 -4.87
N ASN A 100 0.81 3.41 -5.03
CA ASN A 100 0.57 3.95 -6.36
C ASN A 100 1.87 4.30 -7.09
N ALA A 101 2.83 4.89 -6.41
CA ALA A 101 4.13 5.17 -7.04
C ALA A 101 4.87 3.90 -7.44
N ALA A 102 4.90 2.89 -6.57
CA ALA A 102 5.70 1.68 -6.83
C ALA A 102 5.10 0.87 -7.97
N TYR A 103 3.79 0.61 -7.92
CA TYR A 103 3.14 -0.16 -8.97
C TYR A 103 3.09 0.60 -10.30
N SER A 104 2.83 1.90 -10.26
CA SER A 104 2.76 2.65 -11.51
C SER A 104 4.13 2.68 -12.20
N ALA A 105 5.18 3.00 -11.44
CA ALA A 105 6.54 2.99 -12.00
C ALA A 105 6.91 1.62 -12.57
N ALA A 106 6.63 0.57 -11.80
CA ALA A 106 6.89 -0.79 -12.22
C ALA A 106 6.15 -1.18 -13.49
N ARG A 107 4.88 -0.78 -13.64
CA ARG A 107 4.15 -1.11 -14.87
C ARG A 107 4.79 -0.44 -16.08
N LEU A 108 5.36 0.73 -15.92
CA LEU A 108 5.99 1.49 -17.00
C LEU A 108 7.48 1.19 -17.17
N HIS A 109 8.03 0.30 -16.35
CA HIS A 109 9.46 0.01 -16.37
C HIS A 109 10.29 1.25 -16.05
N GLU A 110 9.79 2.04 -15.11
CA GLU A 110 10.47 3.23 -14.63
C GLU A 110 11.05 2.94 -13.25
N ASN A 111 11.94 3.81 -12.76
CA ASN A 111 12.44 3.66 -11.40
C ASN A 111 11.80 4.68 -10.47
N ALA A 112 12.23 4.73 -9.21
CA ALA A 112 11.64 5.64 -8.23
C ALA A 112 11.84 7.11 -8.56
N ALA A 113 12.85 7.49 -9.33
CA ALA A 113 13.04 8.87 -9.73
C ALA A 113 12.40 9.20 -11.07
N GLY A 114 11.52 8.34 -11.59
CA GLY A 114 10.90 8.58 -12.88
C GLY A 114 9.62 9.39 -12.83
N LYS A 115 8.92 9.41 -13.96
CA LYS A 115 7.76 10.28 -14.15
C LYS A 115 6.53 9.88 -13.35
N ALA A 116 6.26 8.58 -13.25
CA ALA A 116 5.07 8.11 -12.54
C ALA A 116 5.13 8.46 -11.06
N ALA A 117 6.28 8.20 -10.42
CA ALA A 117 6.38 8.51 -8.99
C ALA A 117 6.25 10.02 -8.76
N ALA A 118 6.84 10.82 -9.65
CA ALA A 118 6.67 12.28 -9.55
C ALA A 118 5.22 12.68 -9.75
N TRP A 119 4.51 12.04 -10.68
CA TRP A 119 3.08 12.36 -10.87
C TRP A 119 2.25 12.05 -9.64
N VAL A 120 2.52 10.91 -9.00
CA VAL A 120 1.82 10.51 -7.79
C VAL A 120 2.04 11.54 -6.69
N GLN A 121 3.29 11.94 -6.48
CA GLN A 121 3.57 13.05 -5.57
C GLN A 121 2.73 14.28 -5.86
N ARG A 122 2.77 14.75 -7.11
CA ARG A 122 2.04 15.95 -7.49
C ARG A 122 0.54 15.82 -7.29
N ILE A 123 -0.06 14.70 -7.72
CA ILE A 123 -1.50 14.54 -7.61
C ILE A 123 -1.96 14.30 -6.17
N GLU A 124 -1.38 13.32 -5.48
CA GLU A 124 -1.97 12.88 -4.21
C GLU A 124 -1.58 13.78 -3.04
N PHE A 125 -0.30 14.12 -2.92
CA PHE A 125 0.12 14.88 -1.74
C PHE A 125 -0.20 16.36 -1.93
N ALA A 126 0.15 16.89 -3.09
CA ALA A 126 0.04 18.33 -3.34
C ALA A 126 -1.38 18.71 -3.75
N ARG A 127 -1.92 18.04 -4.77
CA ARG A 127 -3.19 18.46 -5.33
C ARG A 127 -4.39 18.00 -4.51
N LEU A 128 -4.43 16.73 -4.14
CA LEU A 128 -5.53 16.19 -3.35
C LEU A 128 -5.38 16.45 -1.86
N GLY A 129 -4.18 16.79 -1.41
CA GLY A 129 -3.96 17.18 -0.03
C GLY A 129 -3.91 16.04 0.96
N LEU A 130 -3.63 14.82 0.49
CA LEU A 130 -3.44 13.68 1.39
C LEU A 130 -2.20 13.94 2.26
N PRO A 131 -2.34 13.75 3.57
CA PRO A 131 -1.23 13.92 4.48
C PRO A 131 -0.07 12.98 4.16
N LYS A 132 1.16 13.49 4.22
CA LYS A 132 2.32 12.60 4.15
C LYS A 132 2.44 11.82 5.45
N PRO A 133 2.72 10.53 5.32
CA PRO A 133 2.87 9.66 6.49
C PRO A 133 4.07 10.04 7.34
N ASP A 134 3.98 9.78 8.64
CA ASP A 134 5.12 9.97 9.53
C ASP A 134 6.17 8.90 9.30
N TRP A 135 5.68 7.68 9.03
CA TRP A 135 6.51 6.52 8.77
C TRP A 135 5.87 5.69 7.64
N GLN A 136 6.68 5.23 6.73
CA GLN A 136 6.29 4.20 5.78
C GLN A 136 7.18 2.97 6.00
N VAL A 137 6.54 1.84 6.28
CA VAL A 137 7.28 0.62 6.60
C VAL A 137 7.22 -0.33 5.41
N LEU A 138 8.37 -0.60 4.81
CA LEU A 138 8.45 -1.52 3.69
C LEU A 138 8.66 -2.94 4.23
N LEU A 139 7.67 -3.79 4.00
CA LEU A 139 7.86 -5.21 4.37
C LEU A 139 8.46 -5.91 3.17
N ALA A 140 9.79 -6.01 3.18
CA ALA A 140 10.53 -6.50 2.03
C ALA A 140 10.56 -8.02 2.08
N VAL A 141 10.11 -8.65 1.00
CA VAL A 141 10.00 -10.10 0.91
C VAL A 141 10.50 -10.55 -0.46
N SER A 142 11.06 -11.74 -0.58
CA SER A 142 11.37 -12.26 -1.91
C SER A 142 10.10 -12.23 -2.77
N ALA A 143 10.23 -11.84 -4.03
CA ALA A 143 9.10 -11.82 -4.94
C ALA A 143 8.53 -13.22 -5.17
N GLU A 144 9.39 -14.22 -5.23
CA GLU A 144 8.98 -15.61 -5.32
C GLU A 144 8.12 -16.05 -4.13
N LEU A 145 8.51 -15.72 -2.91
CA LEU A 145 7.73 -16.09 -1.74
C LEU A 145 6.39 -15.38 -1.68
N ALA A 146 6.38 -14.08 -2.01
CA ALA A 146 5.14 -13.32 -2.04
C ALA A 146 4.16 -13.91 -3.06
N GLY A 147 4.67 -14.33 -4.20
CA GLY A 147 3.85 -14.88 -5.28
C GLY A 147 3.25 -16.22 -4.88
N GLU A 148 4.01 -17.02 -4.13
CA GLU A 148 3.48 -18.26 -3.58
C GLU A 148 2.35 -18.00 -2.61
N ARG A 149 2.46 -16.96 -1.79
CA ARG A 149 1.41 -16.64 -0.83
C ARG A 149 0.12 -16.21 -1.54
N SER A 150 0.24 -15.37 -2.56
CA SER A 150 -0.94 -14.97 -3.34
C SER A 150 -1.61 -16.17 -4.00
N ARG A 151 -0.81 -17.05 -4.60
CA ARG A 151 -1.33 -18.27 -5.19
C ARG A 151 -2.03 -19.15 -4.16
N GLY A 152 -1.43 -19.30 -2.98
CA GLY A 152 -2.02 -20.11 -1.92
C GLY A 152 -3.37 -19.57 -1.48
N ARG A 153 -3.46 -18.26 -1.34
CA ARG A 153 -4.68 -17.59 -0.92
C ARG A 153 -5.85 -17.82 -1.85
N ALA A 154 -5.60 -17.73 -3.15
CA ALA A 154 -6.61 -17.99 -4.17
C ALA A 154 -7.06 -19.45 -4.17
N GLN A 155 -6.13 -20.36 -3.93
CA GLN A 155 -6.44 -21.78 -3.85
C GLN A 155 -7.42 -22.13 -2.74
N ARG A 156 -7.28 -21.52 -1.56
CA ARG A 156 -8.11 -21.88 -0.42
C ARG A 156 -9.32 -20.97 -0.27
N ASP A 157 -9.36 -19.86 -1.01
CA ASP A 157 -10.46 -18.91 -0.94
C ASP A 157 -10.97 -18.57 -2.34
N PRO A 158 -12.26 -18.84 -2.57
CA PRO A 158 -12.86 -18.60 -3.87
C PRO A 158 -13.13 -17.14 -4.15
N GLY A 159 -13.26 -16.33 -3.09
CA GLY A 159 -13.42 -14.89 -3.20
C GLY A 159 -12.10 -14.15 -3.17
N ARG A 160 -10.97 -14.85 -3.24
CA ARG A 160 -9.67 -14.21 -3.34
C ARG A 160 -8.88 -14.68 -4.55
N ALA A 161 -9.52 -14.88 -5.70
CA ALA A 161 -8.80 -15.16 -6.94
C ALA A 161 -7.75 -14.09 -7.20
N ARG A 162 -6.63 -14.43 -7.82
CA ARG A 162 -5.60 -13.41 -8.06
C ARG A 162 -6.08 -12.44 -9.13
N ASP A 163 -5.67 -11.18 -9.01
CA ASP A 163 -5.99 -10.20 -10.04
C ASP A 163 -4.85 -10.08 -11.04
N ASN A 164 -5.01 -9.26 -12.06
CA ASN A 164 -4.04 -9.08 -13.13
C ASN A 164 -2.64 -8.71 -12.63
N TYR A 165 -2.52 -7.90 -11.59
CA TYR A 165 -1.20 -7.53 -11.07
C TYR A 165 -0.55 -8.70 -10.34
N GLU A 166 -1.31 -9.41 -9.52
CA GLU A 166 -0.81 -10.58 -8.81
C GLU A 166 -0.33 -11.70 -9.71
N ARG A 167 -0.97 -11.90 -10.86
CA ARG A 167 -0.58 -12.91 -11.82
C ARG A 167 0.67 -12.55 -12.61
N ASP A 168 1.10 -11.29 -12.56
CA ASP A 168 2.24 -10.85 -13.33
C ASP A 168 3.50 -10.86 -12.47
N ALA A 169 4.25 -11.97 -12.54
CA ALA A 169 5.42 -12.18 -11.69
C ALA A 169 6.47 -11.09 -11.86
N GLU A 170 6.73 -10.70 -13.09
CA GLU A 170 7.78 -9.72 -13.39
C GLU A 170 7.39 -8.34 -12.91
N LEU A 171 6.10 -7.99 -13.00
CA LEU A 171 5.60 -6.77 -12.36
C LEU A 171 5.82 -6.76 -10.86
N GLN A 172 5.55 -7.86 -10.18
CA GLN A 172 5.78 -7.96 -8.75
C GLN A 172 7.25 -7.80 -8.36
N GLN A 173 8.14 -8.36 -9.15
CA GLN A 173 9.58 -8.21 -8.94
C GLN A 173 10.05 -6.77 -9.17
N ARG A 174 9.59 -6.16 -10.25
CA ARG A 174 9.90 -4.76 -10.52
C ARG A 174 9.35 -3.83 -9.45
N THR A 175 8.17 -4.13 -8.93
CA THR A 175 7.54 -3.32 -7.89
C THR A 175 8.32 -3.42 -6.58
N GLY A 176 8.81 -4.61 -6.25
CA GLY A 176 9.70 -4.75 -5.09
C GLY A 176 10.94 -3.86 -5.20
N ALA A 177 11.57 -3.81 -6.37
CA ALA A 177 12.75 -3.01 -6.61
C ALA A 177 12.48 -1.51 -6.58
N VAL A 178 11.33 -1.06 -7.07
CA VAL A 178 10.99 0.36 -6.97
C VAL A 178 10.76 0.76 -5.52
N TYR A 179 10.07 -0.11 -4.79
CA TYR A 179 9.82 0.11 -3.37
C TYR A 179 11.13 0.29 -2.60
N ALA A 180 12.11 -0.57 -2.85
CA ALA A 180 13.43 -0.44 -2.23
C ALA A 180 14.08 0.91 -2.52
N GLU A 181 13.96 1.40 -3.75
CA GLU A 181 14.45 2.72 -4.09
C GLU A 181 13.69 3.85 -3.40
N LEU A 182 12.36 3.75 -3.33
CA LEU A 182 11.56 4.76 -2.65
C LEU A 182 11.96 4.88 -1.18
N ALA A 183 12.18 3.74 -0.53
CA ALA A 183 12.63 3.73 0.87
C ALA A 183 13.98 4.40 1.04
N ALA A 184 14.95 4.05 0.19
CA ALA A 184 16.29 4.62 0.29
C ALA A 184 16.28 6.13 0.07
N GLN A 185 15.39 6.59 -0.79
CA GLN A 185 15.18 7.99 -1.12
C GLN A 185 14.41 8.76 -0.06
N GLY A 186 13.72 8.06 0.85
CA GLY A 186 12.81 8.70 1.77
C GLY A 186 11.62 9.36 1.06
N TRP A 187 11.07 8.73 0.04
CA TRP A 187 9.97 9.30 -0.73
C TRP A 187 8.71 9.43 0.10
N GLY A 188 8.18 10.64 0.22
CA GLY A 188 6.99 10.94 0.98
C GLY A 188 7.18 11.08 2.49
N GLY A 189 8.38 10.80 3.01
CA GLY A 189 8.62 10.80 4.45
C GLY A 189 9.63 9.71 4.80
N ARG A 190 9.94 9.52 6.09
CA ARG A 190 10.95 8.49 6.38
C ARG A 190 10.39 7.07 6.28
N TRP A 191 11.26 6.17 5.86
CA TRP A 191 10.96 4.76 5.71
C TRP A 191 11.73 3.90 6.70
N LEU A 192 11.14 2.77 7.05
CA LEU A 192 11.87 1.64 7.63
C LEU A 192 11.71 0.44 6.69
N VAL A 193 12.78 -0.29 6.46
CA VAL A 193 12.68 -1.54 5.72
C VAL A 193 12.77 -2.71 6.70
N VAL A 194 11.70 -3.50 6.80
CA VAL A 194 11.67 -4.67 7.66
C VAL A 194 11.48 -5.95 6.84
N GLY A 195 11.91 -7.05 7.45
CA GLY A 195 11.72 -8.37 6.86
C GLY A 195 10.52 -9.06 7.50
N ALA A 196 10.25 -10.28 7.03
CA ALA A 196 9.16 -11.10 7.51
C ALA A 196 9.32 -11.49 8.98
N ASP A 197 10.56 -11.61 9.44
CA ASP A 197 10.87 -11.94 10.83
C ASP A 197 10.90 -10.76 11.78
N VAL A 198 10.53 -9.56 11.36
CA VAL A 198 10.57 -8.39 12.24
C VAL A 198 9.77 -8.60 13.52
N ASP A 199 10.28 -8.10 14.64
CA ASP A 199 9.61 -8.16 15.93
C ASP A 199 8.65 -6.99 16.11
N PRO A 200 7.37 -7.29 16.33
CA PRO A 200 6.33 -6.29 16.40
C PRO A 200 6.47 -5.35 17.58
N GLY A 201 6.95 -5.87 18.72
CA GLY A 201 7.20 -5.06 19.90
C GLY A 201 8.32 -4.04 19.67
N ARG A 202 9.41 -4.47 19.06
CA ARG A 202 10.50 -3.57 18.72
C ARG A 202 10.10 -2.59 17.62
N LEU A 203 9.37 -3.09 16.62
CA LEU A 203 8.94 -2.26 15.52
C LEU A 203 8.08 -1.11 16.04
N ALA A 204 7.09 -1.40 16.88
CA ALA A 204 6.22 -0.39 17.45
C ALA A 204 7.01 0.63 18.30
N ALA A 205 8.03 0.16 19.00
CA ALA A 205 8.91 1.04 19.76
C ALA A 205 9.64 2.02 18.86
N THR A 206 10.14 1.57 17.73
CA THR A 206 10.79 2.43 16.76
C THR A 206 9.83 3.50 16.23
N LEU A 207 8.60 3.08 15.95
CA LEU A 207 7.58 3.96 15.44
C LEU A 207 6.93 4.83 16.50
N ALA A 208 6.74 4.36 17.73
CA ALA A 208 5.98 5.10 18.73
C ALA A 208 6.19 6.61 18.63
S SO4 B . -5.67 -18.22 -9.38
O1 SO4 B . -6.66 -17.10 -9.15
O2 SO4 B . -6.33 -19.50 -9.00
O3 SO4 B . -5.24 -18.22 -10.81
O4 SO4 B . -4.48 -18.05 -8.51
S SO4 C . -0.51 -8.92 2.03
O1 SO4 C . 0.71 -8.05 1.89
O2 SO4 C . -1.50 -8.28 2.92
O3 SO4 C . -1.07 -9.16 0.67
O4 SO4 C . -0.09 -10.24 2.60
MG MG D . -3.28 -8.00 -3.94
P TMP E . -4.46 -4.93 -2.72
O1P TMP E . -4.12 -4.24 -1.41
O2P TMP E . -3.33 -5.86 -3.02
O3P TMP E . -5.57 -5.48 -2.04
O5' TMP E . -4.45 -3.76 -3.86
C5' TMP E . -4.93 -4.09 -5.17
C4' TMP E . -3.81 -3.99 -6.10
O4' TMP E . -3.70 -2.64 -6.63
C3' TMP E . -2.39 -4.45 -5.72
O3' TMP E . -1.81 -5.25 -6.76
C2' TMP E . -1.59 -3.17 -5.54
C1' TMP E . -2.40 -2.13 -6.38
N1 TMP E . -2.40 -0.69 -6.01
C2 TMP E . -1.92 0.32 -6.84
O2 TMP E . -1.42 0.13 -7.94
N3 TMP E . -2.04 1.60 -6.25
C4 TMP E . -2.59 1.88 -5.00
O4 TMP E . -2.66 3.02 -4.57
C5 TMP E . -3.09 0.72 -4.21
C5M TMP E . -3.68 0.98 -2.88
C6 TMP E . -2.97 -0.52 -4.77
#